data_6H8Y
#
_entry.id   6H8Y
#
_cell.length_a   52.550
_cell.length_b   52.840
_cell.length_c   78.320
_cell.angle_alpha   90.00
_cell.angle_beta   90.00
_cell.angle_gamma   90.00
#
_symmetry.space_group_name_H-M   'P 21 21 21'
#
loop_
_entity.id
_entity.type
_entity.pdbx_description
1 polymer Beta-phosphoglucomutase
2 non-polymer 'MAGNESIUM ION'
3 non-polymer 'TETRAFLUOROALUMINATE ION'
4 water water
#
_entity_poly.entity_id   1
_entity_poly.type   'polypeptide(L)'
_entity_poly.pdbx_seq_one_letter_code
;MFKAVLFDLDGVITDAAEYHFRAWKALAEEIGINGVDRQFNEQLKGVSREDSLQKILDLADKKVSAEEFKELAKRKNDNY
VKMIQDVSPADVYPGILQLLKDLRSNKIKIALASASKNGPFLLERMNLTGYFDAIADPAEVAASKPAPDIFIAAAHAVGV
APSESIGLEDSQAGIQAIKDSGALPIGVGRPEDLGDDIVIVPDTSHYTLEFLKEVWLQKQK
;
_entity_poly.pdbx_strand_id   A
#
loop_
_chem_comp.id
_chem_comp.type
_chem_comp.name
_chem_comp.formula
ALF non-polymer 'TETRAFLUOROALUMINATE ION' 'Al F4 -1'
MG non-polymer 'MAGNESIUM ION' 'Mg 2'
#
# COMPACT_ATOMS: atom_id res chain seq x y z
N MET A 1 9.64 -21.80 11.15
CA MET A 1 8.81 -21.17 10.09
C MET A 1 8.45 -19.77 10.56
N PHE A 2 8.35 -18.86 9.61
CA PHE A 2 7.88 -17.51 9.90
C PHE A 2 6.52 -17.57 10.56
N LYS A 3 6.31 -16.63 11.47
CA LYS A 3 5.08 -16.57 12.28
C LYS A 3 4.06 -15.52 11.79
N ALA A 4 4.49 -14.64 10.89
CA ALA A 4 3.62 -13.59 10.39
C ALA A 4 3.99 -13.17 9.00
N VAL A 5 2.98 -12.65 8.29
CA VAL A 5 3.18 -11.96 7.05
C VAL A 5 2.61 -10.56 7.18
N LEU A 6 3.41 -9.58 6.76
CA LEU A 6 3.10 -8.17 6.91
C LEU A 6 2.83 -7.65 5.51
N PHE A 7 1.60 -7.15 5.26
CA PHE A 7 1.17 -6.83 3.91
C PHE A 7 1.11 -5.36 3.69
N ASP A 8 1.87 -4.86 2.72
CA ASP A 8 1.51 -3.58 2.04
C ASP A 8 0.12 -3.75 1.42
N LEU A 9 -0.57 -2.63 1.22
CA LEU A 9 -1.90 -2.68 0.60
C LEU A 9 -1.78 -2.43 -0.89
N ASP A 10 -1.46 -1.20 -1.27
CA ASP A 10 -1.48 -0.83 -2.68
C ASP A 10 -0.39 -1.58 -3.44
N GLY A 11 -0.81 -2.31 -4.47
CA GLY A 11 0.10 -3.05 -5.35
C GLY A 11 0.44 -4.43 -4.87
N VAL A 12 -0.14 -4.81 -3.70
CA VAL A 12 0.04 -6.15 -3.14
C VAL A 12 -1.34 -6.76 -3.01
N ILE A 13 -2.21 -6.15 -2.23
CA ILE A 13 -3.53 -6.67 -2.00
C ILE A 13 -4.46 -6.23 -3.13
N THR A 14 -4.28 -4.98 -3.57
CA THR A 14 -5.16 -4.35 -4.54
C THR A 14 -4.53 -3.13 -5.23
N ASP A 15 -5.15 -2.70 -6.30
CA ASP A 15 -4.75 -1.50 -7.05
C ASP A 15 -5.56 -0.34 -6.44
N ALA A 16 -5.07 0.16 -5.32
CA ALA A 16 -5.69 1.30 -4.64
C ALA A 16 -5.25 2.58 -5.38
N ALA A 17 -4.08 2.52 -5.99
CA ALA A 17 -3.54 3.65 -6.79
C ALA A 17 -4.53 4.17 -7.87
N GLU A 18 -5.27 3.26 -8.53
CA GLU A 18 -6.21 3.60 -9.59
C GLU A 18 -7.28 4.56 -9.10
N TYR A 19 -7.80 4.31 -7.90
CA TYR A 19 -8.79 5.21 -7.31
C TYR A 19 -8.23 6.59 -6.95
N HIS A 20 -7.00 6.64 -6.45
CA HIS A 20 -6.36 7.94 -6.19
C HIS A 20 -6.18 8.72 -7.50
N PHE A 21 -5.77 8.03 -8.57
CA PHE A 21 -5.66 8.65 -9.91
C PHE A 21 -6.98 9.28 -10.41
N ARG A 22 -8.05 8.51 -10.34
CA ARG A 22 -9.35 9.04 -10.75
C ARG A 22 -9.82 10.21 -9.92
N ALA A 23 -9.58 10.18 -8.60
CA ALA A 23 -9.89 11.33 -7.75
C ALA A 23 -9.07 12.55 -8.15
N TRP A 24 -7.77 12.36 -8.36
CA TRP A 24 -6.93 13.49 -8.84
C TRP A 24 -7.37 14.00 -10.20
N LYS A 25 -7.66 13.09 -11.14
CA LYS A 25 -8.09 13.50 -12.50
C LYS A 25 -9.38 14.29 -12.41
N ALA A 26 -10.30 13.81 -11.59
CA ALA A 26 -11.55 14.50 -11.41
C ALA A 26 -11.38 15.90 -10.78
N LEU A 27 -10.56 16.04 -9.74
CA LEU A 27 -10.33 17.36 -9.18
C LEU A 27 -9.74 18.32 -10.25
N ALA A 28 -8.70 17.84 -10.96
CA ALA A 28 -8.06 18.64 -11.99
C ALA A 28 -9.04 19.08 -13.12
N GLU A 29 -9.94 18.19 -13.49
CA GLU A 29 -11.04 18.56 -14.41
C GLU A 29 -11.89 19.63 -13.84
N GLU A 30 -12.32 19.50 -12.60
CA GLU A 30 -13.13 20.50 -11.91
C GLU A 30 -12.45 21.90 -11.89
N ILE A 31 -11.15 21.96 -11.69
CA ILE A 31 -10.50 23.27 -11.53
C ILE A 31 -9.78 23.65 -12.81
N GLY A 32 -9.93 22.88 -13.89
CA GLY A 32 -9.44 23.30 -15.20
C GLY A 32 -7.95 23.15 -15.44
N ILE A 33 -7.34 22.21 -14.72
CA ILE A 33 -5.93 21.92 -14.92
C ILE A 33 -5.77 20.72 -15.84
N ASN A 34 -5.11 20.93 -16.99
CA ASN A 34 -4.82 19.86 -17.96
C ASN A 34 -3.62 19.02 -17.56
N GLY A 35 -3.56 17.81 -18.12
CA GLY A 35 -2.35 16.98 -18.03
C GLY A 35 -2.27 15.91 -16.92
N VAL A 36 -3.32 15.76 -16.11
CA VAL A 36 -3.35 14.71 -15.06
C VAL A 36 -3.73 13.38 -15.73
N ASP A 37 -2.73 12.74 -16.33
CA ASP A 37 -2.92 11.43 -16.97
C ASP A 37 -2.11 10.33 -16.29
N ARG A 38 -2.31 9.13 -16.79
CA ARG A 38 -1.71 7.93 -16.26
C ARG A 38 -0.19 8.11 -16.11
N GLN A 39 0.47 8.82 -17.03
CA GLN A 39 1.94 9.02 -16.97
C GLN A 39 2.34 10.07 -15.93
N PHE A 40 1.53 11.12 -15.81
CA PHE A 40 1.79 12.11 -14.76
C PHE A 40 1.56 11.42 -13.42
N ASN A 41 0.58 10.53 -13.38
CA ASN A 41 0.26 9.84 -12.14
C ASN A 41 1.37 8.92 -11.64
N GLU A 42 2.17 8.34 -12.55
CA GLU A 42 3.42 7.69 -12.16
C GLU A 42 4.21 8.56 -11.18
N GLN A 43 4.23 9.88 -11.37
CA GLN A 43 4.87 10.79 -10.41
C GLN A 43 4.07 11.12 -9.14
N LEU A 44 2.89 10.52 -8.95
CA LEU A 44 2.14 10.66 -7.68
C LEU A 44 2.21 9.42 -6.79
N LYS A 45 2.65 8.30 -7.35
CA LYS A 45 2.70 7.04 -6.59
C LYS A 45 3.69 7.17 -5.44
N GLY A 46 3.27 6.72 -4.26
CA GLY A 46 4.05 6.87 -3.05
C GLY A 46 4.31 8.30 -2.60
N VAL A 47 3.54 9.26 -3.16
CA VAL A 47 3.69 10.67 -2.82
C VAL A 47 2.51 11.04 -1.93
N SER A 48 2.77 11.94 -1.00
CA SER A 48 1.75 12.40 -0.09
C SER A 48 0.68 13.22 -0.81
N ARG A 49 -0.50 13.27 -0.19
CA ARG A 49 -1.62 14.00 -0.73
C ARG A 49 -1.20 15.43 -1.08
N GLU A 50 -0.46 16.08 -0.18
CA GLU A 50 -0.14 17.50 -0.31
C GLU A 50 0.89 17.73 -1.43
N ASP A 51 1.95 16.92 -1.44
CA ASP A 51 2.93 16.94 -2.55
C ASP A 51 2.31 16.64 -3.92
N SER A 52 1.38 15.67 -3.96
CA SER A 52 0.68 15.29 -5.19
C SER A 52 -0.16 16.48 -5.70
N LEU A 53 -0.81 17.19 -4.78
CA LEU A 53 -1.58 18.35 -5.11
C LEU A 53 -0.68 19.43 -5.69
N GLN A 54 0.48 19.63 -5.07
CA GLN A 54 1.42 20.65 -5.49
C GLN A 54 1.96 20.39 -6.89
N LYS A 55 2.24 19.13 -7.19
CA LYS A 55 2.72 18.75 -8.51
C LYS A 55 1.61 19.02 -9.52
N ILE A 56 0.36 18.81 -9.10
CA ILE A 56 -0.79 19.11 -9.97
C ILE A 56 -0.90 20.62 -10.21
N LEU A 57 -0.90 21.42 -9.15
CA LEU A 57 -0.86 22.87 -9.28
C LEU A 57 0.27 23.37 -10.20
N ASP A 58 1.44 22.73 -10.09
CA ASP A 58 2.61 23.03 -10.93
C ASP A 58 2.37 22.76 -12.44
N LEU A 59 1.41 21.90 -12.81
CA LEU A 59 1.11 21.71 -14.25
C LEU A 59 0.62 23.00 -14.92
N ALA A 60 0.03 23.87 -14.11
CA ALA A 60 -0.47 25.16 -14.53
C ALA A 60 0.35 26.30 -13.93
N ASP A 61 1.55 26.01 -13.45
CA ASP A 61 2.30 26.97 -12.62
C ASP A 61 1.37 27.84 -11.72
N LYS A 62 0.35 27.21 -11.12
CA LYS A 62 -0.66 27.96 -10.34
C LYS A 62 -0.21 28.21 -8.90
N LYS A 63 -0.64 29.37 -8.39
CA LYS A 63 -0.29 29.88 -7.08
C LYS A 63 -1.59 29.98 -6.32
N VAL A 64 -1.64 29.38 -5.12
CA VAL A 64 -2.82 29.44 -4.24
C VAL A 64 -2.41 29.63 -2.78
N SER A 65 -3.30 30.21 -2.00
CA SER A 65 -3.11 30.38 -0.56
C SER A 65 -3.16 29.04 0.14
N ALA A 66 -2.66 29.04 1.37
CA ALA A 66 -2.71 27.89 2.27
C ALA A 66 -4.14 27.39 2.49
N GLU A 67 -5.10 28.31 2.58
CA GLU A 67 -6.52 27.90 2.74
C GLU A 67 -7.01 27.17 1.49
N GLU A 68 -6.73 27.73 0.31
CA GLU A 68 -7.19 27.11 -0.96
C GLU A 68 -6.60 25.74 -1.17
N PHE A 69 -5.33 25.61 -0.80
CA PHE A 69 -4.62 24.35 -0.88
C PHE A 69 -5.34 23.30 -0.06
N LYS A 70 -5.58 23.62 1.22
CA LYS A 70 -6.31 22.75 2.15
C LYS A 70 -7.66 22.32 1.59
N GLU A 71 -8.36 23.26 0.98
CA GLU A 71 -9.70 23.00 0.43
C GLU A 71 -9.68 22.10 -0.81
N LEU A 72 -8.69 22.29 -1.68
CA LEU A 72 -8.54 21.39 -2.85
C LEU A 72 -8.16 19.96 -2.37
N ALA A 73 -7.26 19.90 -1.40
CA ALA A 73 -6.85 18.65 -0.78
C ALA A 73 -8.04 17.92 -0.19
N LYS A 74 -8.88 18.70 0.50
CA LYS A 74 -10.13 18.18 1.03
C LYS A 74 -11.08 17.65 -0.05
N ARG A 75 -11.23 18.37 -1.15
CA ARG A 75 -12.10 17.90 -2.23
C ARG A 75 -11.63 16.60 -2.88
N LYS A 76 -10.32 16.48 -3.06
CA LYS A 76 -9.78 15.27 -3.64
C LYS A 76 -10.08 14.13 -2.66
N ASN A 77 -9.85 14.39 -1.38
CA ASN A 77 -10.15 13.36 -0.39
C ASN A 77 -11.61 12.90 -0.41
N ASP A 78 -12.53 13.87 -0.39
CA ASP A 78 -13.94 13.59 -0.57
C ASP A 78 -14.23 12.78 -1.79
N ASN A 79 -13.64 13.16 -2.93
N ASN A 79 -13.64 13.11 -2.94
CA ASN A 79 -13.75 12.42 -4.21
CA ASN A 79 -13.92 12.34 -4.16
C ASN A 79 -13.35 10.96 -4.07
C ASN A 79 -13.33 10.93 -4.14
N TYR A 80 -12.13 10.77 -3.58
CA TYR A 80 -11.52 9.43 -3.39
C TYR A 80 -12.40 8.51 -2.52
N VAL A 81 -12.80 9.00 -1.37
CA VAL A 81 -13.65 8.25 -0.46
C VAL A 81 -14.98 7.89 -1.12
N LYS A 82 -15.52 8.81 -1.92
CA LYS A 82 -16.74 8.52 -2.69
C LYS A 82 -16.46 7.42 -3.74
N MET A 83 -15.34 7.50 -4.40
CA MET A 83 -15.00 6.45 -5.39
C MET A 83 -14.73 5.05 -4.83
N ILE A 84 -14.16 5.01 -3.63
CA ILE A 84 -13.83 3.72 -3.05
C ILE A 84 -15.06 3.01 -2.44
N GLN A 85 -16.24 3.65 -2.40
CA GLN A 85 -17.44 2.95 -1.97
C GLN A 85 -17.76 1.77 -2.90
N ASP A 86 -17.26 1.79 -4.13
CA ASP A 86 -17.41 0.69 -5.08
C ASP A 86 -16.36 -0.41 -5.03
N VAL A 87 -15.37 -0.29 -4.16
CA VAL A 87 -14.44 -1.38 -3.96
C VAL A 87 -15.21 -2.64 -3.53
N SER A 88 -14.81 -3.78 -4.07
CA SER A 88 -15.49 -5.01 -3.79
C SER A 88 -14.43 -6.12 -3.74
N PRO A 89 -14.80 -7.36 -3.37
CA PRO A 89 -13.95 -8.52 -3.45
C PRO A 89 -13.29 -8.81 -4.79
N ALA A 90 -13.93 -8.43 -5.89
CA ALA A 90 -13.28 -8.58 -7.20
C ALA A 90 -12.05 -7.64 -7.39
N ASP A 91 -11.81 -6.68 -6.48
CA ASP A 91 -10.63 -5.84 -6.60
C ASP A 91 -9.36 -6.43 -5.99
N VAL A 92 -9.52 -7.58 -5.31
CA VAL A 92 -8.40 -8.29 -4.70
C VAL A 92 -7.53 -8.90 -5.78
N TYR A 93 -6.23 -8.68 -5.64
CA TYR A 93 -5.31 -9.17 -6.66
C TYR A 93 -5.23 -10.71 -6.75
N PRO A 94 -4.90 -11.25 -7.96
CA PRO A 94 -4.77 -12.71 -8.07
C PRO A 94 -3.85 -13.32 -7.00
N GLY A 95 -4.31 -14.45 -6.44
CA GLY A 95 -3.55 -15.22 -5.51
C GLY A 95 -3.59 -14.72 -4.07
N ILE A 96 -3.99 -13.48 -3.84
CA ILE A 96 -3.93 -12.94 -2.48
C ILE A 96 -4.92 -13.59 -1.52
N LEU A 97 -6.14 -13.79 -1.98
CA LEU A 97 -7.13 -14.45 -1.14
C LEU A 97 -6.65 -15.84 -0.72
N GLN A 98 -6.15 -16.60 -1.70
CA GLN A 98 -5.73 -17.97 -1.46
C GLN A 98 -4.60 -18.04 -0.44
N LEU A 99 -3.63 -17.13 -0.61
CA LEU A 99 -2.55 -16.94 0.35
C LEU A 99 -3.06 -16.62 1.76
N LEU A 100 -3.96 -15.67 1.88
CA LEU A 100 -4.54 -15.36 3.20
C LEU A 100 -5.24 -16.56 3.79
N LYS A 101 -5.96 -17.36 2.99
CA LYS A 101 -6.60 -18.58 3.49
C LYS A 101 -5.62 -19.59 4.00
N ASP A 102 -4.55 -19.80 3.24
CA ASP A 102 -3.50 -20.75 3.58
C ASP A 102 -2.72 -20.28 4.80
N LEU A 103 -2.45 -18.98 4.86
CA LEU A 103 -1.78 -18.44 6.06
C LEU A 103 -2.65 -18.67 7.29
N ARG A 104 -3.93 -18.33 7.20
CA ARG A 104 -4.79 -18.47 8.36
C ARG A 104 -4.90 -19.97 8.75
N SER A 105 -5.00 -20.83 7.75
CA SER A 105 -5.08 -22.27 7.97
C SER A 105 -3.83 -22.82 8.66
N ASN A 106 -2.68 -22.20 8.42
CA ASN A 106 -1.46 -22.60 9.09
C ASN A 106 -1.17 -21.77 10.34
N LYS A 107 -2.15 -21.02 10.86
CA LYS A 107 -2.01 -20.14 12.03
C LYS A 107 -0.86 -19.15 11.91
N ILE A 108 -0.64 -18.65 10.71
CA ILE A 108 0.36 -17.61 10.51
C ILE A 108 -0.35 -16.28 10.59
N LYS A 109 0.15 -15.39 11.44
CA LYS A 109 -0.51 -14.10 11.66
C LYS A 109 -0.46 -13.25 10.38
N ILE A 110 -1.46 -12.42 10.21
CA ILE A 110 -1.61 -11.55 9.07
C ILE A 110 -1.82 -10.11 9.55
N ALA A 111 -0.97 -9.20 9.11
CA ALA A 111 -1.10 -7.79 9.47
C ALA A 111 -0.93 -6.93 8.27
N LEU A 112 -1.66 -5.83 8.27
CA LEU A 112 -1.53 -4.78 7.27
C LEU A 112 -0.53 -3.74 7.73
N ALA A 113 0.37 -3.40 6.81
CA ALA A 113 1.43 -2.47 7.05
C ALA A 113 1.41 -1.44 5.96
N SER A 114 0.31 -0.68 5.93
CA SER A 114 0.06 0.28 4.83
C SER A 114 -0.03 1.69 5.37
N ALA A 115 0.42 2.63 4.56
CA ALA A 115 0.20 4.04 4.77
C ALA A 115 -1.26 4.47 4.52
N SER A 116 -2.08 3.61 3.91
CA SER A 116 -3.45 4.02 3.55
C SER A 116 -4.20 4.46 4.82
N LYS A 117 -4.79 5.64 4.74
CA LYS A 117 -5.65 6.15 5.78
C LYS A 117 -7.00 5.42 5.76
N ASN A 118 -7.27 4.64 4.72
CA ASN A 118 -8.55 3.93 4.59
C ASN A 118 -8.41 2.42 4.61
N GLY A 119 -7.34 1.94 5.26
CA GLY A 119 -7.01 0.53 5.24
C GLY A 119 -8.13 -0.35 5.73
N PRO A 120 -8.64 -0.06 6.94
CA PRO A 120 -9.66 -0.91 7.49
C PRO A 120 -10.91 -0.95 6.64
N PHE A 121 -11.33 0.23 6.14
CA PHE A 121 -12.46 0.35 5.24
C PHE A 121 -12.23 -0.47 3.96
N LEU A 122 -11.04 -0.36 3.37
CA LEU A 122 -10.76 -1.06 2.14
C LEU A 122 -10.77 -2.60 2.28
N LEU A 123 -10.19 -3.10 3.38
CA LEU A 123 -10.18 -4.51 3.66
C LEU A 123 -11.59 -5.02 3.87
N GLU A 124 -12.42 -4.23 4.53
CA GLU A 124 -13.84 -4.58 4.77
C GLU A 124 -14.58 -4.62 3.42
N ARG A 125 -14.42 -3.61 2.58
CA ARG A 125 -15.02 -3.67 1.22
C ARG A 125 -14.53 -4.86 0.39
N MET A 126 -13.27 -5.25 0.56
CA MET A 126 -12.77 -6.47 -0.15
C MET A 126 -13.08 -7.78 0.56
N ASN A 127 -13.79 -7.73 1.68
CA ASN A 127 -14.17 -8.93 2.46
C ASN A 127 -13.00 -9.63 3.12
N LEU A 128 -11.97 -8.86 3.50
CA LEU A 128 -10.69 -9.46 3.93
C LEU A 128 -10.43 -9.28 5.41
N THR A 129 -11.29 -8.52 6.10
CA THR A 129 -11.13 -8.20 7.50
C THR A 129 -10.92 -9.43 8.39
N GLY A 130 -11.70 -10.49 8.13
CA GLY A 130 -11.62 -11.70 8.94
C GLY A 130 -10.27 -12.39 8.87
N TYR A 131 -9.48 -12.10 7.82
CA TYR A 131 -8.15 -12.67 7.74
C TYR A 131 -7.11 -11.89 8.50
N PHE A 132 -7.37 -10.60 8.75
CA PHE A 132 -6.35 -9.73 9.32
C PHE A 132 -6.39 -9.74 10.83
N ASP A 133 -5.25 -10.11 11.39
CA ASP A 133 -5.11 -10.15 12.84
C ASP A 133 -4.91 -8.77 13.31
N ALA A 134 -4.30 -7.91 12.52
CA ALA A 134 -4.11 -6.52 12.91
C ALA A 134 -3.81 -5.60 11.73
N ILE A 135 -4.06 -4.31 11.98
CA ILE A 135 -3.79 -3.27 11.02
C ILE A 135 -3.00 -2.27 11.78
N ALA A 136 -1.76 -2.09 11.34
CA ALA A 136 -0.92 -1.05 11.90
C ALA A 136 -1.50 0.28 11.50
N ASP A 137 -1.70 1.16 12.48
CA ASP A 137 -2.33 2.44 12.26
C ASP A 137 -1.26 3.39 11.80
N PRO A 138 -1.32 3.84 10.54
CA PRO A 138 -0.26 4.78 10.13
C PRO A 138 -0.31 6.15 10.85
N ALA A 139 -1.44 6.53 11.42
CA ALA A 139 -1.49 7.77 12.25
C ALA A 139 -0.66 7.64 13.49
N GLU A 140 -0.34 6.40 13.93
CA GLU A 140 0.47 6.21 15.14
C GLU A 140 1.96 6.02 14.91
N VAL A 141 2.44 6.06 13.67
CA VAL A 141 3.87 5.91 13.43
C VAL A 141 4.53 7.25 13.13
N ALA A 142 5.72 7.43 13.65
CA ALA A 142 6.48 8.68 13.56
C ALA A 142 7.03 8.97 12.18
N ALA A 143 7.26 7.91 11.39
CA ALA A 143 7.88 8.07 10.11
C ALA A 143 7.42 7.03 9.08
N SER A 144 7.36 7.48 7.85
CA SER A 144 6.78 6.73 6.78
C SER A 144 7.85 5.93 6.08
N LYS A 145 7.42 4.96 5.29
CA LYS A 145 8.34 4.21 4.46
C LYS A 145 9.27 5.25 3.75
N PRO A 146 10.58 5.05 3.61
CA PRO A 146 11.30 3.81 3.90
C PRO A 146 11.70 3.53 5.38
N ALA A 147 11.30 4.37 6.32
CA ALA A 147 11.55 4.08 7.72
C ALA A 147 10.76 2.77 8.02
N PRO A 148 11.30 1.91 8.87
CA PRO A 148 10.70 0.59 9.14
C PRO A 148 9.52 0.58 10.10
N ASP A 149 9.17 1.75 10.65
CA ASP A 149 8.20 1.91 11.71
C ASP A 149 6.91 1.15 11.54
N ILE A 150 6.29 1.33 10.38
CA ILE A 150 5.01 0.70 10.07
C ILE A 150 5.06 -0.82 10.11
N PHE A 151 6.20 -1.37 9.64
CA PHE A 151 6.41 -2.82 9.64
C PHE A 151 6.68 -3.33 11.01
N ILE A 152 7.48 -2.59 11.77
CA ILE A 152 7.71 -2.90 13.16
C ILE A 152 6.38 -2.91 13.94
N ALA A 153 5.57 -1.88 13.71
CA ALA A 153 4.27 -1.77 14.37
C ALA A 153 3.32 -2.95 13.97
N ALA A 154 3.33 -3.32 12.70
CA ALA A 154 2.45 -4.38 12.21
C ALA A 154 2.82 -5.73 12.86
N ALA A 155 4.14 -6.01 12.93
CA ALA A 155 4.64 -7.21 13.53
C ALA A 155 4.28 -7.25 15.00
N HIS A 156 4.61 -6.17 15.71
CA HIS A 156 4.26 -6.06 17.13
C HIS A 156 2.77 -6.24 17.39
N ALA A 157 1.97 -5.62 16.53
CA ALA A 157 0.56 -5.68 16.67
C ALA A 157 -0.02 -7.09 16.64
N VAL A 158 0.67 -8.07 16.05
CA VAL A 158 0.23 -9.46 16.11
C VAL A 158 1.08 -10.30 17.05
N GLY A 159 1.94 -9.63 17.83
CA GLY A 159 2.68 -10.24 18.92
C GLY A 159 3.89 -11.04 18.46
N VAL A 160 4.52 -10.60 17.38
CA VAL A 160 5.74 -11.19 16.90
C VAL A 160 6.83 -10.14 16.73
N ALA A 161 8.08 -10.58 16.72
CA ALA A 161 9.19 -9.69 16.38
C ALA A 161 9.23 -9.62 14.86
N PRO A 162 9.74 -8.51 14.31
CA PRO A 162 9.84 -8.48 12.84
C PRO A 162 10.67 -9.61 12.26
N SER A 163 11.64 -10.07 13.03
CA SER A 163 12.49 -11.14 12.61
C SER A 163 11.77 -12.48 12.43
N GLU A 164 10.53 -12.62 12.94
CA GLU A 164 9.71 -13.79 12.68
C GLU A 164 8.80 -13.65 11.50
N SER A 165 8.96 -12.56 10.75
CA SER A 165 8.00 -12.14 9.74
C SER A 165 8.58 -12.00 8.36
N ILE A 166 7.70 -12.23 7.40
CA ILE A 166 7.88 -11.87 6.00
C ILE A 166 7.06 -10.61 5.68
N GLY A 167 7.67 -9.68 4.97
CA GLY A 167 6.97 -8.50 4.48
C GLY A 167 6.80 -8.57 2.96
N LEU A 168 5.59 -8.22 2.47
CA LEU A 168 5.34 -8.16 1.03
C LEU A 168 5.14 -6.71 0.57
N GLU A 169 5.84 -6.31 -0.48
CA GLU A 169 5.84 -4.90 -0.91
C GLU A 169 6.06 -4.79 -2.41
N ASP A 170 5.50 -3.74 -3.04
CA ASP A 170 5.68 -3.47 -4.47
C ASP A 170 6.55 -2.24 -4.67
N SER A 171 6.99 -1.59 -3.60
CA SER A 171 7.73 -0.36 -3.74
C SER A 171 9.13 -0.50 -3.18
N GLN A 172 10.04 0.22 -3.79
CA GLN A 172 11.40 0.22 -3.35
C GLN A 172 11.50 0.77 -1.89
N ALA A 173 10.80 1.85 -1.58
CA ALA A 173 10.82 2.40 -0.23
C ALA A 173 10.22 1.41 0.80
N GLY A 174 9.30 0.59 0.35
CA GLY A 174 8.68 -0.40 1.22
C GLY A 174 9.59 -1.56 1.45
N ILE A 175 10.32 -1.95 0.41
CA ILE A 175 11.34 -2.95 0.55
C ILE A 175 12.40 -2.51 1.59
N GLN A 176 12.86 -1.27 1.50
CA GLN A 176 13.84 -0.76 2.47
C GLN A 176 13.28 -0.82 3.89
N ALA A 177 12.02 -0.46 4.04
CA ALA A 177 11.39 -0.42 5.34
C ALA A 177 11.31 -1.83 5.97
N ILE A 178 11.06 -2.84 5.14
CA ILE A 178 10.99 -4.20 5.60
C ILE A 178 12.38 -4.66 6.04
N LYS A 179 13.41 -4.38 5.23
CA LYS A 179 14.78 -4.73 5.60
C LYS A 179 15.18 -4.09 6.91
N ASP A 180 14.90 -2.82 7.05
CA ASP A 180 15.34 -2.14 8.25
C ASP A 180 14.50 -2.49 9.45
N SER A 181 13.32 -3.09 9.24
CA SER A 181 12.56 -3.62 10.39
C SER A 181 13.15 -4.90 10.97
N GLY A 182 13.86 -5.69 10.16
CA GLY A 182 14.29 -7.02 10.58
C GLY A 182 13.55 -8.15 9.92
N ALA A 183 12.44 -7.86 9.27
CA ALA A 183 11.66 -8.90 8.63
C ALA A 183 12.24 -9.18 7.25
N LEU A 184 11.78 -10.28 6.66
CA LEU A 184 12.28 -10.72 5.35
C LEU A 184 11.38 -10.23 4.23
N PRO A 185 11.95 -9.43 3.30
CA PRO A 185 11.11 -8.86 2.23
C PRO A 185 10.97 -9.80 1.06
N ILE A 186 9.78 -9.88 0.47
CA ILE A 186 9.62 -10.47 -0.84
C ILE A 186 8.84 -9.48 -1.68
N GLY A 187 9.49 -8.91 -2.68
CA GLY A 187 8.87 -7.89 -3.49
C GLY A 187 8.01 -8.47 -4.58
N VAL A 188 7.16 -7.60 -5.15
CA VAL A 188 6.48 -7.92 -6.40
C VAL A 188 6.65 -6.76 -7.35
N GLY A 189 7.11 -7.06 -8.57
CA GLY A 189 7.50 -6.05 -9.55
C GLY A 189 8.74 -6.52 -10.30
N ARG A 190 9.67 -5.62 -10.50
CA ARG A 190 10.86 -5.94 -11.28
C ARG A 190 12.09 -5.51 -10.48
N PRO A 191 13.20 -6.26 -10.61
CA PRO A 191 14.41 -5.91 -9.85
C PRO A 191 14.98 -4.55 -10.16
N GLU A 192 14.71 -4.03 -11.36
CA GLU A 192 15.12 -2.66 -11.74
C GLU A 192 14.56 -1.63 -10.74
N ASP A 193 13.35 -1.85 -10.27
CA ASP A 193 12.73 -0.90 -9.32
C ASP A 193 13.05 -1.22 -7.88
N LEU A 194 13.11 -2.51 -7.54
CA LEU A 194 13.04 -2.93 -6.15
C LEU A 194 14.36 -3.25 -5.47
N GLY A 195 15.38 -3.50 -6.27
CA GLY A 195 16.69 -3.85 -5.76
C GLY A 195 16.96 -5.22 -6.29
N ASP A 196 18.24 -5.62 -6.24
CA ASP A 196 18.66 -6.89 -6.79
C ASP A 196 18.99 -7.91 -5.72
N ASP A 197 18.98 -7.48 -4.47
CA ASP A 197 19.45 -8.34 -3.39
C ASP A 197 18.33 -9.04 -2.57
N ILE A 198 17.09 -8.99 -3.05
CA ILE A 198 15.94 -9.62 -2.36
C ILE A 198 15.20 -10.50 -3.32
N VAL A 199 14.39 -11.40 -2.81
CA VAL A 199 13.55 -12.23 -3.69
C VAL A 199 12.43 -11.32 -4.18
N ILE A 200 12.10 -11.46 -5.47
CA ILE A 200 11.02 -10.70 -6.13
C ILE A 200 10.19 -11.63 -7.02
N VAL A 201 8.88 -11.45 -6.98
CA VAL A 201 7.97 -12.16 -7.86
C VAL A 201 7.44 -11.18 -8.90
N PRO A 202 7.08 -11.66 -10.10
CA PRO A 202 6.59 -10.78 -11.16
C PRO A 202 5.17 -10.25 -10.93
N ASP A 203 4.34 -11.04 -10.26
CA ASP A 203 2.98 -10.62 -9.92
C ASP A 203 2.50 -11.39 -8.71
N THR A 204 1.37 -10.96 -8.16
CA THR A 204 0.91 -11.52 -6.90
C THR A 204 0.48 -12.97 -6.99
N SER A 205 0.17 -13.49 -8.18
CA SER A 205 -0.15 -14.93 -8.31
C SER A 205 0.99 -15.84 -7.87
N HIS A 206 2.23 -15.33 -7.88
CA HIS A 206 3.39 -16.04 -7.39
C HIS A 206 3.56 -16.01 -5.85
N TYR A 207 2.81 -15.16 -5.14
CA TYR A 207 2.78 -15.22 -3.69
C TYR A 207 1.95 -16.38 -3.19
N THR A 208 2.53 -17.56 -3.12
CA THR A 208 1.87 -18.72 -2.52
C THR A 208 2.53 -19.02 -1.20
N LEU A 209 1.82 -19.77 -0.36
CA LEU A 209 2.35 -20.24 0.89
C LEU A 209 3.57 -21.12 0.68
N GLU A 210 3.50 -22.01 -0.31
CA GLU A 210 4.61 -22.90 -0.59
C GLU A 210 5.86 -22.12 -0.96
N PHE A 211 5.70 -21.07 -1.77
CA PHE A 211 6.79 -20.22 -2.19
C PHE A 211 7.36 -19.45 -1.00
N LEU A 212 6.51 -18.88 -0.17
CA LEU A 212 6.97 -18.17 1.06
C LEU A 212 7.81 -19.08 1.96
N LYS A 213 7.34 -20.31 2.13
CA LYS A 213 8.03 -21.30 2.92
C LYS A 213 9.40 -21.60 2.34
N GLU A 214 9.47 -21.83 1.02
CA GLU A 214 10.72 -22.13 0.32
C GLU A 214 11.72 -21.01 0.52
N VAL A 215 11.28 -19.77 0.30
CA VAL A 215 12.10 -18.60 0.51
C VAL A 215 12.57 -18.46 1.97
N TRP A 216 11.67 -18.66 2.93
CA TRP A 216 12.05 -18.67 4.34
C TRP A 216 13.11 -19.77 4.63
N LEU A 217 12.85 -20.96 4.10
CA LEU A 217 13.79 -22.05 4.28
C LEU A 217 15.13 -21.76 3.60
N GLN A 218 15.12 -21.17 2.40
CA GLN A 218 16.37 -20.74 1.73
C GLN A 218 16.83 -19.45 2.39
MG MG B . 2.39 -0.54 -2.31
AL ALF C . 1.42 0.93 0.57
F1 ALF C . -0.31 0.47 0.82
F2 ALF C . 3.14 1.39 0.33
F3 ALF C . 1.50 1.36 2.32
F4 ALF C . 1.33 0.54 -1.19
#